data_4HYK
#
_entry.id   4HYK
#
_cell.length_a   122.642
_cell.length_b   122.642
_cell.length_c   69.923
_cell.angle_alpha   90.00
_cell.angle_beta   90.00
_cell.angle_gamma   90.00
#
_symmetry.space_group_name_H-M   'P 41 21 2'
#
loop_
_entity.id
_entity.type
_entity.pdbx_description
1 polymer 'DNA polymerase IV'
2 polymer "DNA (5'-D(*GP*GP*GP*AP*AP*GP*CP*CP*GP*G)-3')"
3 polymer "DNA (5'-D(*TP*TP*CP*CP*GP*CP*CP*CP*CP*GP*GP*CP*TP*TP*CP*CP*C)-3')"
#
loop_
_entity_poly.entity_id
_entity_poly.type
_entity_poly.pdbx_seq_one_letter_code
_entity_poly.pdbx_strand_id
1 'polypeptide(L)'
;MIVIFVDFDYFFAQVEEVLNPQYKGKPLVVCVYSGRTKTSGAVATANYEARKLGVKAGMPIIKAMQIAPSAIYVPMRKPI
YEAFSNRIMNLLNKHADKIEVASIDEAYLDVTNKVEGNFENGIELARKIKQEILEKEKITVTVGVAPNKILAKIIADKSK
PNGLGVIRPTEVQDFLNELDIDEIPGIGSVLARRLNELGIQKLRDILSKNYNELEKITGKAKALYLLKLAQNKYSEPVEN
KSKIPHGRYLTLPYNTRDVKVILPYLKKAINEAYNKVNGIPMRITVIAIMEDLDILSKGKKFKHGISIDNAYKVAEDLLR
ELLVRDKRRNVRRIGVKLDNIIINKTNLSDFFDI
;
A
2 'polydeoxyribonucleotide' (DG)(DG)(DG)(DA)(DA)(DG)(DC)(DC)(DG)(DG) P
3 'polydeoxyribonucleotide' (DT)(DT)(DC)(DC)(DG)(DC)(DC)(DC)(DC)(DG)(DG)(DC)(DT)(DT)(DC)(DC)(DC) T
#
loop_
_chem_comp.id
_chem_comp.type
_chem_comp.name
_chem_comp.formula
DA DNA linking 2'-DEOXYADENOSINE-5'-MONOPHOSPHATE 'C10 H14 N5 O6 P'
DC DNA linking 2'-DEOXYCYTIDINE-5'-MONOPHOSPHATE 'C9 H14 N3 O7 P'
DG DNA linking 2'-DEOXYGUANOSINE-5'-MONOPHOSPHATE 'C10 H14 N5 O7 P'
DT DNA linking THYMIDINE-5'-MONOPHOSPHATE 'C10 H15 N2 O8 P'
#
# COMPACT_ATOMS: atom_id res chain seq x y z
N MET A 1 1.87 23.27 1.84
CA MET A 1 1.13 22.04 1.61
C MET A 1 0.56 21.50 2.92
N ILE A 2 -0.68 21.04 2.88
CA ILE A 2 -1.25 20.35 4.03
C ILE A 2 -1.66 18.94 3.60
N VAL A 3 -0.96 17.95 4.13
CA VAL A 3 -1.26 16.56 3.83
C VAL A 3 -1.92 15.83 4.98
N ILE A 4 -3.19 15.49 4.81
CA ILE A 4 -3.87 14.57 5.74
C ILE A 4 -3.72 13.13 5.27
N PHE A 5 -3.04 12.30 6.05
CA PHE A 5 -2.85 10.92 5.70
C PHE A 5 -3.76 9.99 6.52
N VAL A 6 -4.52 9.13 5.84
CA VAL A 6 -5.40 8.21 6.56
C VAL A 6 -4.95 6.76 6.42
N ASP A 7 -4.68 6.10 7.55
CA ASP A 7 -4.37 4.66 7.60
C ASP A 7 -5.45 3.93 8.41
N PHE A 8 -6.08 2.92 7.79
CA PHE A 8 -7.10 2.14 8.49
C PHE A 8 -6.48 1.17 9.50
N ASP A 9 -7.12 1.16 10.66
CA ASP A 9 -6.63 0.47 11.85
C ASP A 9 -6.90 -1.00 11.77
N TYR A 10 -5.83 -1.80 11.65
CA TYR A 10 -5.92 -3.26 11.59
C TYR A 10 -7.08 -3.75 10.71
N PHE A 11 -7.07 -3.24 9.48
CA PHE A 11 -8.26 -3.23 8.61
C PHE A 11 -9.14 -4.48 8.60
N PHE A 12 -8.59 -5.59 8.12
CA PHE A 12 -9.38 -6.79 7.83
C PHE A 12 -10.19 -7.27 9.03
N ALA A 13 -9.48 -7.46 10.14
CA ALA A 13 -10.08 -7.82 11.40
C ALA A 13 -11.22 -6.89 11.77
N GLN A 14 -11.11 -5.62 11.39
CA GLN A 14 -12.11 -4.68 11.84
C GLN A 14 -13.33 -4.71 10.95
N VAL A 15 -13.13 -5.03 9.68
CA VAL A 15 -14.24 -5.27 8.79
C VAL A 15 -15.01 -6.45 9.36
N GLU A 16 -14.26 -7.44 9.84
CA GLU A 16 -14.88 -8.58 10.51
C GLU A 16 -15.71 -8.15 11.72
N GLU A 17 -15.07 -7.53 12.71
CA GLU A 17 -15.77 -7.07 13.92
C GLU A 17 -17.00 -6.22 13.64
N VAL A 18 -16.96 -5.40 12.59
CA VAL A 18 -18.11 -4.62 12.20
C VAL A 18 -19.22 -5.53 11.70
N LEU A 19 -18.83 -6.55 10.92
CA LEU A 19 -19.78 -7.53 10.40
C LEU A 19 -20.27 -8.50 11.50
N ASN A 20 -19.34 -8.94 12.35
CA ASN A 20 -19.69 -9.78 13.51
C ASN A 20 -19.37 -9.06 14.83
N PRO A 21 -20.28 -8.19 15.31
CA PRO A 21 -20.11 -7.52 16.58
C PRO A 21 -19.63 -8.39 17.74
N GLN A 22 -20.00 -9.66 17.80
CA GLN A 22 -19.58 -10.48 18.95
C GLN A 22 -18.12 -10.89 18.87
N TYR A 23 -17.41 -10.38 17.85
CA TYR A 23 -15.96 -10.48 17.78
C TYR A 23 -15.31 -9.35 18.60
N LYS A 24 -15.98 -8.20 18.65
CA LYS A 24 -15.48 -7.03 19.39
C LYS A 24 -15.23 -7.33 20.86
N GLY A 25 -13.96 -7.36 21.25
CA GLY A 25 -13.62 -7.46 22.65
C GLY A 25 -12.85 -8.73 22.95
N LYS A 26 -12.95 -9.67 22.03
CA LYS A 26 -12.23 -10.92 22.16
C LYS A 26 -11.28 -11.01 21.00
N PRO A 27 -10.17 -11.73 21.18
CA PRO A 27 -9.16 -11.84 20.13
C PRO A 27 -9.72 -12.37 18.82
N LEU A 28 -9.50 -11.64 17.74
CA LEU A 28 -9.91 -12.04 16.39
C LEU A 28 -8.76 -11.93 15.40
N VAL A 29 -8.45 -13.01 14.72
CA VAL A 29 -7.30 -13.03 13.81
C VAL A 29 -7.72 -13.46 12.41
N VAL A 30 -7.11 -12.88 11.39
CA VAL A 30 -7.49 -13.10 9.99
C VAL A 30 -6.35 -13.80 9.24
N CYS A 31 -6.68 -14.76 8.38
CA CYS A 31 -5.67 -15.68 7.85
C CYS A 31 -5.59 -15.73 6.32
N VAL A 32 -4.42 -16.10 5.81
CA VAL A 32 -4.15 -16.19 4.38
C VAL A 32 -3.34 -17.46 4.12
N TYR A 33 -3.69 -18.22 3.07
CA TYR A 33 -2.99 -19.47 2.78
C TYR A 33 -2.27 -19.38 1.43
N GLY A 41 -0.74 -22.04 6.56
CA GLY A 41 -1.53 -20.83 6.76
C GLY A 41 -0.89 -19.79 7.67
N ALA A 42 -1.05 -18.51 7.31
CA ALA A 42 -0.38 -17.42 8.02
C ALA A 42 -1.28 -16.21 8.35
N VAL A 43 -0.89 -15.44 9.37
CA VAL A 43 -1.69 -14.32 9.85
C VAL A 43 -1.71 -13.11 8.91
N ALA A 44 -2.90 -12.61 8.59
CA ALA A 44 -3.07 -11.43 7.75
C ALA A 44 -3.13 -10.16 8.60
N THR A 45 -4.32 -9.75 9.03
CA THR A 45 -4.40 -8.74 10.09
C THR A 45 -4.68 -9.42 11.44
N ALA A 46 -4.92 -8.63 12.49
CA ALA A 46 -5.24 -9.14 13.82
C ALA A 46 -5.68 -7.98 14.68
N ASN A 47 -6.86 -8.04 15.28
CA ASN A 47 -7.31 -6.96 16.15
C ASN A 47 -6.45 -6.84 17.43
N TYR A 48 -6.80 -5.93 18.32
CA TYR A 48 -5.83 -5.57 19.35
C TYR A 48 -5.93 -6.43 20.58
N GLU A 49 -7.15 -6.89 20.90
CA GLU A 49 -7.28 -7.86 21.98
C GLU A 49 -6.45 -9.09 21.62
N ALA A 50 -6.33 -9.36 20.34
CA ALA A 50 -5.48 -10.45 19.87
C ALA A 50 -4.02 -10.01 19.81
N ARG A 51 -3.77 -8.73 19.57
CA ARG A 51 -2.39 -8.26 19.56
C ARG A 51 -1.71 -8.39 20.92
N LYS A 52 -2.38 -7.90 21.98
CA LYS A 52 -1.84 -7.96 23.36
C LYS A 52 -1.37 -9.33 23.85
N LEU A 53 -1.45 -10.34 22.97
CA LEU A 53 -1.14 -11.73 23.33
C LEU A 53 0.04 -12.24 22.52
N GLY A 54 0.48 -11.42 21.57
CA GLY A 54 1.62 -11.74 20.75
C GLY A 54 1.24 -12.09 19.32
N VAL A 55 0.04 -11.68 18.90
CA VAL A 55 -0.38 -12.01 17.55
C VAL A 55 -0.02 -10.87 16.60
N LYS A 56 0.87 -11.17 15.67
CA LYS A 56 1.36 -10.19 14.71
C LYS A 56 1.36 -10.74 13.28
N ALA A 57 1.17 -9.84 12.33
CA ALA A 57 0.95 -10.20 10.93
C ALA A 57 2.09 -11.01 10.32
N GLY A 58 1.73 -12.03 9.53
CA GLY A 58 2.70 -12.80 8.78
C GLY A 58 3.18 -14.06 9.49
N MET A 59 2.91 -14.16 10.78
CA MET A 59 3.34 -15.32 11.56
C MET A 59 2.46 -16.53 11.24
N PRO A 60 3.04 -17.73 11.30
CA PRO A 60 2.23 -18.94 11.06
C PRO A 60 1.13 -19.02 12.10
N ILE A 61 -0.06 -19.44 11.69
CA ILE A 61 -1.17 -19.52 12.61
C ILE A 61 -0.80 -20.42 13.78
N ILE A 62 0.13 -21.33 13.54
CA ILE A 62 0.70 -22.15 14.59
C ILE A 62 1.04 -21.36 15.85
N LYS A 63 1.99 -20.46 15.72
CA LYS A 63 2.42 -19.65 16.84
C LYS A 63 1.23 -18.88 17.37
N ALA A 64 0.38 -18.42 16.46
CA ALA A 64 -0.78 -17.61 16.82
C ALA A 64 -1.68 -18.31 17.84
N MET A 65 -2.00 -19.56 17.54
CA MET A 65 -2.83 -20.39 18.38
C MET A 65 -2.10 -20.76 19.66
N GLN A 66 -0.83 -21.16 19.54
CA GLN A 66 -0.06 -21.52 20.72
C GLN A 66 0.05 -20.37 21.74
N ILE A 67 0.04 -19.11 21.28
CA ILE A 67 0.07 -17.98 22.22
C ILE A 67 -1.28 -17.26 22.33
N ALA A 68 -2.18 -17.49 21.38
CA ALA A 68 -3.52 -16.93 21.49
C ALA A 68 -4.62 -17.97 21.22
N PRO A 69 -4.91 -18.80 22.22
CA PRO A 69 -5.88 -19.88 22.03
C PRO A 69 -7.33 -19.43 22.18
N SER A 70 -7.58 -18.36 22.94
CA SER A 70 -8.95 -17.86 23.11
C SER A 70 -9.41 -17.05 21.90
N ALA A 71 -8.59 -17.05 20.85
CA ALA A 71 -8.83 -16.24 19.68
C ALA A 71 -9.72 -16.92 18.64
N ILE A 72 -10.53 -16.13 17.94
CA ILE A 72 -11.27 -16.63 16.80
C ILE A 72 -10.31 -16.70 15.62
N TYR A 73 -10.59 -17.52 14.62
CA TYR A 73 -9.74 -17.58 13.45
C TYR A 73 -10.58 -17.71 12.20
N VAL A 74 -10.74 -16.60 11.48
CA VAL A 74 -11.56 -16.62 10.27
C VAL A 74 -10.68 -16.60 9.02
N PRO A 75 -11.21 -17.06 7.87
CA PRO A 75 -10.46 -16.94 6.62
C PRO A 75 -10.60 -15.53 6.06
N MET A 76 -9.82 -15.22 5.03
CA MET A 76 -9.83 -13.88 4.47
C MET A 76 -10.79 -13.69 3.30
N ARG A 77 -11.86 -12.95 3.57
CA ARG A 77 -12.78 -12.57 2.51
C ARG A 77 -12.42 -11.20 1.95
N LYS A 78 -11.45 -11.17 1.04
CA LYS A 78 -10.99 -9.91 0.46
C LYS A 78 -12.06 -9.00 -0.18
N PRO A 79 -12.99 -9.56 -0.98
CA PRO A 79 -14.07 -8.79 -1.63
C PRO A 79 -14.86 -7.83 -0.74
N ILE A 80 -15.13 -8.22 0.50
CA ILE A 80 -15.81 -7.34 1.44
C ILE A 80 -14.88 -6.21 1.93
N TYR A 81 -13.63 -6.53 2.22
CA TYR A 81 -12.66 -5.53 2.63
C TYR A 81 -12.50 -4.50 1.53
N GLU A 82 -12.41 -4.97 0.28
CA GLU A 82 -12.33 -4.07 -0.86
C GLU A 82 -13.61 -3.27 -0.99
N ALA A 83 -14.74 -3.88 -0.61
CA ALA A 83 -15.98 -3.09 -0.61
C ALA A 83 -15.89 -1.89 0.36
N PHE A 84 -15.39 -2.17 1.56
CA PHE A 84 -15.26 -1.15 2.58
C PHE A 84 -14.27 -0.06 2.18
N SER A 85 -13.06 -0.47 1.80
CA SER A 85 -12.07 0.46 1.33
C SER A 85 -12.57 1.30 0.15
N ASN A 86 -13.32 0.72 -0.76
CA ASN A 86 -13.91 1.53 -1.84
C ASN A 86 -14.90 2.57 -1.33
N ARG A 87 -15.88 2.15 -0.53
CA ARG A 87 -16.81 3.12 0.05
C ARG A 87 -16.11 4.28 0.78
N ILE A 88 -15.10 3.94 1.60
CA ILE A 88 -14.32 4.92 2.38
C ILE A 88 -13.39 5.84 1.54
N MET A 89 -12.71 5.28 0.53
CA MET A 89 -11.96 6.10 -0.41
C MET A 89 -12.91 7.09 -1.06
N ASN A 90 -14.12 6.65 -1.37
CA ASN A 90 -15.05 7.63 -1.88
C ASN A 90 -15.43 8.67 -0.84
N LEU A 91 -15.44 8.28 0.44
CA LEU A 91 -15.62 9.29 1.50
C LEU A 91 -14.53 10.37 1.46
N LEU A 92 -13.28 9.92 1.44
CA LEU A 92 -12.13 10.80 1.43
C LEU A 92 -12.00 11.62 0.17
N ASN A 93 -12.56 11.15 -0.93
CA ASN A 93 -12.42 11.89 -2.17
C ASN A 93 -13.19 13.20 -2.15
N LYS A 94 -14.10 13.34 -1.20
CA LYS A 94 -15.00 14.50 -1.16
C LYS A 94 -14.42 15.65 -0.35
N HIS A 95 -13.52 15.34 0.58
CA HIS A 95 -12.92 16.36 1.44
C HIS A 95 -11.52 16.74 0.97
N ALA A 96 -11.15 16.26 -0.22
CA ALA A 96 -9.79 16.45 -0.69
C ALA A 96 -9.72 17.16 -2.03
N ASP A 97 -8.64 17.92 -2.22
CA ASP A 97 -8.38 18.53 -3.51
C ASP A 97 -7.70 17.52 -4.40
N LYS A 98 -6.76 16.80 -3.82
CA LYS A 98 -6.12 15.69 -4.51
C LYS A 98 -6.03 14.47 -3.60
N ILE A 99 -6.15 13.27 -4.16
CA ILE A 99 -6.01 12.04 -3.34
C ILE A 99 -5.15 10.96 -3.99
N GLU A 100 -4.15 10.50 -3.24
CA GLU A 100 -3.30 9.42 -3.70
C GLU A 100 -3.62 8.21 -2.87
N VAL A 101 -4.18 7.18 -3.50
CA VAL A 101 -4.53 5.93 -2.81
C VAL A 101 -3.33 5.02 -2.83
N ALA A 102 -2.73 4.80 -1.67
CA ALA A 102 -1.51 4.01 -1.56
C ALA A 102 -1.80 2.51 -1.44
N SER A 103 -2.95 2.18 -0.87
CA SER A 103 -3.37 0.80 -0.71
C SER A 103 -4.82 0.76 -0.23
N ILE A 104 -5.32 -0.44 0.01
CA ILE A 104 -6.67 -0.67 0.52
C ILE A 104 -6.87 -0.04 1.90
N ASP A 105 -5.73 0.20 2.55
CA ASP A 105 -5.54 0.52 3.95
C ASP A 105 -5.39 2.06 4.07
N GLU A 106 -4.75 2.69 3.07
CA GLU A 106 -4.23 4.06 3.26
C GLU A 106 -4.33 5.09 2.12
N ALA A 107 -4.73 6.32 2.47
CA ALA A 107 -4.79 7.41 1.50
C ALA A 107 -4.11 8.73 1.93
N TYR A 108 -3.55 9.44 0.95
CA TYR A 108 -2.98 10.79 1.15
C TYR A 108 -3.84 11.85 0.49
N LEU A 109 -4.42 12.72 1.30
CA LEU A 109 -5.20 13.85 0.79
C LEU A 109 -4.43 15.20 0.83
N ASP A 110 -4.26 15.85 -0.33
CA ASP A 110 -3.89 17.27 -0.38
C ASP A 110 -5.18 18.04 -0.22
N VAL A 111 -5.29 18.72 0.93
CA VAL A 111 -6.46 19.51 1.31
C VAL A 111 -6.13 21.01 1.45
N THR A 112 -5.18 21.49 0.67
CA THR A 112 -4.65 22.85 0.86
C THR A 112 -5.61 23.95 0.44
N ASN A 113 -6.24 23.81 -0.72
CA ASN A 113 -7.28 24.75 -1.12
C ASN A 113 -8.57 24.57 -0.31
N LYS A 114 -8.72 23.41 0.32
CA LYS A 114 -9.95 23.09 1.04
C LYS A 114 -10.01 23.81 2.39
N VAL A 115 -8.84 24.01 3.01
CA VAL A 115 -8.75 24.77 4.25
C VAL A 115 -8.01 26.08 4.00
N GLU A 116 -7.76 26.33 2.72
CA GLU A 116 -7.13 27.57 2.27
C GLU A 116 -5.87 27.88 3.05
N GLY A 117 -4.97 26.92 3.10
CA GLY A 117 -3.66 27.14 3.69
C GLY A 117 -3.64 27.22 5.19
N ASN A 118 -4.80 27.06 5.82
CA ASN A 118 -4.87 27.16 7.27
C ASN A 118 -4.81 25.84 8.02
N PHE A 119 -3.65 25.56 8.57
CA PHE A 119 -3.38 24.30 9.25
C PHE A 119 -4.34 23.95 10.36
N GLU A 120 -4.80 24.95 11.11
CA GLU A 120 -5.75 24.68 12.20
C GLU A 120 -7.06 24.14 11.63
N ASN A 121 -7.52 24.76 10.55
CA ASN A 121 -8.65 24.26 9.79
C ASN A 121 -8.42 22.87 9.18
N GLY A 122 -7.16 22.56 8.89
CA GLY A 122 -6.82 21.25 8.39
C GLY A 122 -7.00 20.21 9.49
N ILE A 123 -6.51 20.54 10.68
CA ILE A 123 -6.66 19.64 11.80
C ILE A 123 -8.16 19.43 12.09
N GLU A 124 -8.92 20.52 12.09
CA GLU A 124 -10.36 20.41 12.32
C GLU A 124 -11.03 19.55 11.24
N LEU A 125 -10.58 19.70 10.00
CA LEU A 125 -11.07 18.87 8.91
C LEU A 125 -10.78 17.39 9.20
N ALA A 126 -9.57 17.07 9.64
CA ALA A 126 -9.23 15.67 9.97
C ALA A 126 -10.17 15.15 11.03
N ARG A 127 -10.46 15.98 12.02
CA ARG A 127 -11.45 15.62 13.02
C ARG A 127 -12.79 15.27 12.37
N LYS A 128 -13.21 16.12 11.44
CA LYS A 128 -14.49 15.96 10.74
C LYS A 128 -14.53 14.64 9.93
N ILE A 129 -13.40 14.33 9.31
CA ILE A 129 -13.21 13.12 8.52
C ILE A 129 -13.33 11.88 9.40
N LYS A 130 -12.60 11.84 10.51
CA LYS A 130 -12.72 10.73 11.45
C LYS A 130 -14.17 10.56 11.88
N GLN A 131 -14.77 11.65 12.33
CA GLN A 131 -16.16 11.60 12.80
C GLN A 131 -17.08 10.99 11.74
N GLU A 132 -16.88 11.38 10.48
CA GLU A 132 -17.74 10.90 9.41
C GLU A 132 -17.52 9.44 9.06
N ILE A 133 -16.27 9.04 8.90
CA ILE A 133 -15.93 7.66 8.65
C ILE A 133 -16.48 6.75 9.73
N LEU A 134 -16.34 7.15 10.99
CA LEU A 134 -16.81 6.30 12.08
C LEU A 134 -18.32 6.33 12.22
N GLU A 135 -18.94 7.42 11.80
CA GLU A 135 -20.39 7.52 11.86
C GLU A 135 -21.05 6.66 10.78
N LYS A 136 -20.54 6.76 9.56
CA LYS A 136 -21.17 6.17 8.38
C LYS A 136 -20.77 4.72 8.08
N GLU A 137 -19.65 4.28 8.64
CA GLU A 137 -19.11 2.96 8.33
C GLU A 137 -18.49 2.33 9.56
N LYS A 138 -18.82 2.86 10.73
CA LYS A 138 -18.37 2.34 12.03
C LYS A 138 -16.89 1.94 12.12
N ILE A 139 -16.12 2.39 11.15
CA ILE A 139 -14.70 2.06 11.06
C ILE A 139 -13.88 3.19 11.67
N THR A 140 -12.79 2.86 12.36
CA THR A 140 -11.90 3.86 12.93
C THR A 140 -10.51 3.86 12.28
N VAL A 141 -10.02 5.06 12.00
CA VAL A 141 -8.75 5.24 11.30
C VAL A 141 -7.73 5.93 12.18
N THR A 142 -6.46 5.73 11.89
CA THR A 142 -5.38 6.53 12.47
C THR A 142 -4.90 7.60 11.46
N VAL A 143 -5.04 8.88 11.82
CA VAL A 143 -4.68 9.99 10.92
C VAL A 143 -3.40 10.74 11.33
N GLY A 144 -2.59 11.10 10.36
CA GLY A 144 -1.52 12.08 10.61
C GLY A 144 -1.64 13.36 9.79
N VAL A 145 -1.52 14.53 10.43
CA VAL A 145 -1.55 15.80 9.68
C VAL A 145 -0.20 16.51 9.66
N ALA A 146 0.32 16.81 8.47
CA ALA A 146 1.66 17.37 8.28
C ALA A 146 1.79 18.14 6.96
N PRO A 147 2.94 18.80 6.74
CA PRO A 147 3.11 19.53 5.47
C PRO A 147 3.55 18.72 4.25
N ASN A 148 4.30 17.63 4.43
CA ASN A 148 4.48 16.71 3.31
C ASN A 148 3.95 15.30 3.63
N LYS A 149 3.96 14.44 2.62
CA LYS A 149 3.44 13.10 2.77
C LYS A 149 4.17 12.32 3.87
N ILE A 150 5.48 12.20 3.72
CA ILE A 150 6.31 11.39 4.62
C ILE A 150 6.13 11.68 6.12
N LEU A 151 6.00 12.94 6.49
CA LEU A 151 5.85 13.28 7.89
C LEU A 151 4.46 12.99 8.39
N ALA A 152 3.48 13.22 7.52
CA ALA A 152 2.10 12.91 7.86
C ALA A 152 2.05 11.44 8.19
N LYS A 153 2.71 10.64 7.36
CA LYS A 153 2.76 9.22 7.63
C LYS A 153 3.50 8.87 8.92
N ILE A 154 4.69 9.44 9.11
CA ILE A 154 5.51 9.12 10.28
C ILE A 154 4.76 9.44 11.56
N ILE A 155 3.96 10.49 11.52
CA ILE A 155 3.23 10.88 12.70
C ILE A 155 1.92 10.05 12.85
N ALA A 156 1.39 9.57 11.73
CA ALA A 156 0.27 8.61 11.79
C ALA A 156 0.66 7.27 12.42
N ASP A 157 1.70 6.65 11.88
CA ASP A 157 2.25 5.43 12.46
C ASP A 157 2.63 5.62 13.94
N LYS A 158 2.96 6.85 14.32
CA LYS A 158 3.30 7.15 15.71
C LYS A 158 2.04 7.47 16.51
N SER A 159 0.90 7.57 15.83
CA SER A 159 -0.35 7.88 16.51
C SER A 159 -1.38 6.75 16.57
N LYS A 160 -1.01 5.54 16.15
CA LYS A 160 -1.94 4.39 16.21
C LYS A 160 -2.16 3.90 17.64
N PRO A 161 -3.39 3.44 17.95
CA PRO A 161 -4.59 3.30 17.11
C PRO A 161 -5.66 4.35 17.36
N ASN A 162 -6.55 4.55 16.39
CA ASN A 162 -7.57 5.58 16.47
C ASN A 162 -7.00 6.95 16.85
N GLY A 163 -5.86 7.29 16.28
CA GLY A 163 -5.18 8.50 16.66
C GLY A 163 -5.36 9.62 15.66
N LEU A 164 -5.00 10.84 16.08
CA LEU A 164 -4.94 12.00 15.19
C LEU A 164 -3.59 12.70 15.35
N GLY A 165 -2.53 12.15 14.76
CA GLY A 165 -1.20 12.73 14.84
C GLY A 165 -1.01 14.09 14.19
N VAL A 166 -0.02 14.84 14.67
CA VAL A 166 0.10 16.25 14.30
C VAL A 166 1.51 16.81 14.30
N ILE A 167 1.91 17.38 13.18
CA ILE A 167 3.18 18.06 13.05
C ILE A 167 2.97 19.31 12.23
N ARG A 168 2.89 20.44 12.92
CA ARG A 168 2.68 21.73 12.27
C ARG A 168 3.98 22.24 11.66
N PRO A 169 3.90 23.13 10.65
CA PRO A 169 5.09 23.72 10.05
C PRO A 169 6.12 24.17 11.11
N THR A 170 5.66 25.02 12.03
CA THR A 170 6.40 25.36 13.26
C THR A 170 7.23 24.20 13.85
N GLU A 171 6.66 22.99 13.87
CA GLU A 171 7.31 21.83 14.52
C GLU A 171 8.26 21.03 13.62
N VAL A 172 8.10 21.18 12.30
CA VAL A 172 8.78 20.30 11.33
C VAL A 172 10.27 20.05 11.62
N GLN A 173 11.09 21.08 11.45
CA GLN A 173 12.52 21.02 11.75
C GLN A 173 12.77 20.31 13.08
N ASP A 174 12.08 20.73 14.13
CA ASP A 174 12.29 20.12 15.44
C ASP A 174 12.12 18.60 15.33
N PHE A 175 10.97 18.20 14.78
CA PHE A 175 10.66 16.79 14.60
C PHE A 175 11.77 16.12 13.83
N LEU A 176 12.22 16.79 12.77
CA LEU A 176 13.19 16.17 11.88
C LEU A 176 14.50 15.92 12.59
N ASN A 177 14.77 16.72 13.63
CA ASN A 177 15.94 16.50 14.46
C ASN A 177 15.78 15.19 15.18
N GLU A 178 15.10 15.24 16.32
CA GLU A 178 14.79 14.03 17.08
C GLU A 178 13.94 13.11 16.22
N LEU A 179 14.61 12.20 15.53
CA LEU A 179 13.94 11.22 14.70
C LEU A 179 14.94 10.11 14.41
N ASP A 180 14.83 9.01 15.15
CA ASP A 180 15.73 7.88 14.97
C ASP A 180 15.72 7.45 13.50
N ILE A 181 16.85 6.95 13.01
CA ILE A 181 16.97 6.51 11.62
C ILE A 181 16.01 5.38 11.29
N ASP A 182 15.78 4.47 12.23
CA ASP A 182 14.94 3.30 11.99
C ASP A 182 13.46 3.65 11.77
N GLU A 183 13.13 4.90 12.06
CA GLU A 183 11.78 5.40 11.94
C GLU A 183 11.61 6.17 10.63
N ILE A 184 12.61 6.06 9.76
CA ILE A 184 12.59 6.64 8.42
C ILE A 184 12.15 5.56 7.42
N PRO A 185 10.90 5.64 6.96
CA PRO A 185 10.33 4.69 5.99
C PRO A 185 11.22 4.54 4.76
N GLY A 186 11.63 3.32 4.48
CA GLY A 186 12.61 3.07 3.43
C GLY A 186 13.88 2.52 4.06
N ILE A 187 13.94 2.67 5.39
CA ILE A 187 14.95 2.00 6.19
C ILE A 187 14.26 1.11 7.19
N GLY A 188 14.44 -0.20 7.02
CA GLY A 188 13.82 -1.17 7.89
C GLY A 188 14.80 -1.57 8.96
N SER A 189 15.34 -2.78 8.86
CA SER A 189 16.14 -3.34 9.94
C SER A 189 17.66 -3.37 9.68
N VAL A 190 18.07 -3.83 8.50
CA VAL A 190 19.51 -4.00 8.26
C VAL A 190 20.27 -2.68 8.08
N LEU A 191 19.76 -1.80 7.23
CA LEU A 191 20.37 -0.48 7.05
C LEU A 191 20.41 0.28 8.38
N ALA A 192 19.33 0.16 9.14
CA ALA A 192 19.27 0.75 10.47
C ALA A 192 20.39 0.22 11.36
N ARG A 193 20.55 -1.10 11.36
CA ARG A 193 21.63 -1.73 12.13
C ARG A 193 22.98 -1.15 11.73
N ARG A 194 23.24 -1.09 10.42
CA ARG A 194 24.54 -0.62 9.93
C ARG A 194 24.83 0.83 10.31
N LEU A 195 23.89 1.73 10.01
CA LEU A 195 24.12 3.14 10.29
C LEU A 195 24.21 3.41 11.80
N ASN A 196 23.33 2.76 12.57
CA ASN A 196 23.38 2.87 14.03
C ASN A 196 24.70 2.33 14.57
N GLU A 197 25.28 1.37 13.87
CA GLU A 197 26.51 0.72 14.32
C GLU A 197 27.73 1.28 13.61
N LEU A 198 27.49 2.10 12.59
CA LEU A 198 28.59 2.69 11.83
C LEU A 198 28.68 4.23 11.96
N GLY A 199 27.86 4.79 12.86
CA GLY A 199 27.91 6.22 13.14
C GLY A 199 26.57 6.85 13.47
N ILE A 200 25.70 6.92 12.46
CA ILE A 200 24.46 7.70 12.55
C ILE A 200 23.31 7.03 13.30
N GLN A 201 22.83 7.72 14.32
CA GLN A 201 21.76 7.24 15.19
C GLN A 201 20.45 7.90 14.81
N LYS A 202 20.53 9.16 14.36
CA LYS A 202 19.33 9.93 14.09
C LYS A 202 19.46 10.68 12.77
N LEU A 203 18.34 11.16 12.25
CA LEU A 203 18.26 11.70 10.89
C LEU A 203 19.25 12.85 10.61
N ARG A 204 19.25 13.86 11.47
CA ARG A 204 20.07 15.03 11.26
C ARG A 204 21.57 14.69 11.29
N ASP A 205 21.92 13.56 11.90
CA ASP A 205 23.31 13.10 11.93
C ASP A 205 23.84 12.86 10.52
N ILE A 206 22.92 12.64 9.59
CA ILE A 206 23.27 12.39 8.19
C ILE A 206 23.96 13.60 7.55
N LEU A 207 23.57 14.79 8.02
CA LEU A 207 24.12 16.04 7.51
C LEU A 207 25.63 16.16 7.73
N SER A 208 26.05 15.90 8.96
CA SER A 208 27.47 15.95 9.33
C SER A 208 28.14 14.61 9.02
N LYS A 209 28.08 14.22 7.75
CA LYS A 209 28.77 13.03 7.26
C LYS A 209 29.33 13.37 5.88
N ASN A 210 29.87 12.38 5.18
CA ASN A 210 30.55 12.63 3.90
C ASN A 210 29.68 12.30 2.68
N TYR A 211 28.45 11.89 2.94
CA TYR A 211 27.48 11.59 1.88
C TYR A 211 27.93 10.45 0.95
N ASN A 212 29.12 10.57 0.36
CA ASN A 212 29.65 9.55 -0.54
C ASN A 212 29.64 8.15 0.06
N GLU A 213 30.17 8.02 1.27
CA GLU A 213 30.19 6.73 1.93
C GLU A 213 28.90 6.47 2.67
N LEU A 214 27.86 7.24 2.35
CA LEU A 214 26.50 6.93 2.78
C LEU A 214 25.80 6.21 1.63
N GLU A 215 26.20 6.58 0.41
CA GLU A 215 25.68 5.98 -0.79
C GLU A 215 26.20 4.55 -0.92
N LYS A 216 27.40 4.32 -0.41
CA LYS A 216 28.03 3.00 -0.41
C LYS A 216 27.36 2.04 0.59
N ILE A 217 26.30 2.52 1.23
CA ILE A 217 25.57 1.72 2.20
C ILE A 217 24.10 1.65 1.82
N THR A 218 23.62 2.69 1.13
CA THR A 218 22.21 2.78 0.74
C THR A 218 22.02 2.77 -0.77
N GLY A 219 22.80 3.60 -1.46
CA GLY A 219 22.62 3.82 -2.88
C GLY A 219 22.29 5.28 -3.10
N LYS A 220 22.81 5.85 -4.18
CA LYS A 220 22.73 7.29 -4.42
C LYS A 220 21.33 7.89 -4.19
N ALA A 221 20.32 7.21 -4.74
CA ALA A 221 18.94 7.69 -4.64
C ALA A 221 18.47 7.86 -3.19
N LYS A 222 18.31 6.73 -2.50
CA LYS A 222 17.87 6.72 -1.10
C LYS A 222 18.72 7.61 -0.17
N ALA A 223 20.02 7.73 -0.46
CA ALA A 223 20.90 8.63 0.28
C ALA A 223 20.49 10.08 0.05
N LEU A 224 20.24 10.42 -1.21
CA LEU A 224 19.78 11.75 -1.55
C LEU A 224 18.48 12.07 -0.83
N TYR A 225 17.53 11.16 -0.96
CA TYR A 225 16.24 11.28 -0.27
C TYR A 225 16.44 11.54 1.22
N LEU A 226 17.28 10.73 1.87
CA LEU A 226 17.62 10.96 3.28
C LEU A 226 18.18 12.36 3.53
N LEU A 227 18.99 12.85 2.60
CA LEU A 227 19.48 14.22 2.69
C LEU A 227 18.31 15.20 2.67
N LYS A 228 17.69 15.38 1.50
CA LYS A 228 16.64 16.40 1.34
C LYS A 228 15.51 16.27 2.36
N LEU A 229 15.42 15.11 3.00
CA LEU A 229 14.53 14.97 4.13
C LEU A 229 15.16 15.55 5.40
N ALA A 230 16.44 15.25 5.62
CA ALA A 230 17.18 15.82 6.75
C ALA A 230 17.32 17.34 6.58
N GLN A 231 17.39 17.78 5.33
CA GLN A 231 17.46 19.20 5.00
C GLN A 231 16.06 19.85 5.02
N ASN A 232 15.03 19.06 5.29
CA ASN A 232 13.64 19.49 5.07
C ASN A 232 13.45 20.15 3.69
N LYS A 233 14.06 19.54 2.68
CA LYS A 233 13.89 19.98 1.31
C LYS A 233 13.07 18.92 0.58
N TYR A 234 12.10 18.35 1.29
CA TYR A 234 11.27 17.29 0.74
C TYR A 234 9.83 17.74 0.52
N SER A 235 9.31 17.47 -0.67
CA SER A 235 7.92 17.81 -1.01
C SER A 235 7.44 17.20 -2.33
N GLU A 236 7.66 15.90 -2.52
CA GLU A 236 6.99 15.18 -3.58
C GLU A 236 5.50 15.33 -3.28
N PRO A 237 4.73 15.90 -4.22
CA PRO A 237 3.33 16.24 -3.94
C PRO A 237 2.37 15.04 -4.09
N VAL A 238 1.19 15.21 -3.52
CA VAL A 238 0.16 14.20 -3.51
C VAL A 238 -0.45 14.09 -4.90
N GLU A 239 -0.33 12.92 -5.51
CA GLU A 239 -0.82 12.73 -6.88
C GLU A 239 -2.22 12.11 -6.93
N ASN A 240 -3.01 12.49 -7.93
CA ASN A 240 -4.31 11.85 -8.14
C ASN A 240 -4.15 10.47 -8.74
N LYS A 241 -3.77 9.52 -7.90
CA LYS A 241 -3.48 8.16 -8.34
C LYS A 241 -3.83 7.07 -7.31
N SER A 242 -4.08 5.86 -7.80
CA SER A 242 -4.22 4.71 -6.91
C SER A 242 -3.11 3.73 -7.21
N LYS A 243 -2.42 3.29 -6.16
CA LYS A 243 -1.34 2.34 -6.34
C LYS A 243 -1.86 0.93 -6.13
N ILE A 244 -3.16 0.80 -5.85
CA ILE A 244 -3.83 -0.50 -5.68
C ILE A 244 -3.88 -1.28 -6.98
N PRO A 245 -3.27 -2.48 -6.99
CA PRO A 245 -3.22 -3.37 -8.16
C PRO A 245 -4.53 -4.09 -8.39
N HIS A 246 -4.92 -4.14 -9.65
CA HIS A 246 -6.18 -4.72 -10.03
C HIS A 246 -5.92 -5.66 -11.22
N GLY A 247 -6.21 -6.95 -11.04
CA GLY A 247 -6.02 -7.93 -12.12
C GLY A 247 -6.47 -9.36 -11.84
N ARG A 248 -6.73 -10.14 -12.90
CA ARG A 248 -7.20 -11.51 -12.71
C ARG A 248 -6.43 -12.58 -13.47
N TYR A 249 -6.41 -13.78 -12.87
CA TYR A 249 -5.82 -14.99 -13.46
C TYR A 249 -6.88 -16.06 -13.82
N LEU A 250 -6.68 -16.70 -14.96
CA LEU A 250 -7.58 -17.75 -15.49
C LEU A 250 -6.83 -19.02 -15.85
N THR A 251 -7.36 -20.17 -15.44
CA THR A 251 -6.78 -21.47 -15.82
C THR A 251 -7.15 -21.85 -17.25
N LEU A 252 -6.18 -22.37 -17.99
CA LEU A 252 -6.40 -22.88 -19.35
C LEU A 252 -6.84 -24.36 -19.28
N PRO A 253 -7.69 -24.80 -20.24
CA PRO A 253 -8.27 -26.15 -20.28
C PRO A 253 -7.25 -27.26 -20.06
N TYR A 254 -6.18 -27.23 -20.87
CA TYR A 254 -5.03 -28.11 -20.72
C TYR A 254 -3.77 -27.24 -20.55
N ASN A 255 -2.58 -27.83 -20.62
CA ASN A 255 -1.34 -27.05 -20.54
C ASN A 255 -0.81 -26.65 -21.92
N THR A 256 -1.49 -25.74 -22.59
CA THR A 256 -1.07 -25.31 -23.92
C THR A 256 0.13 -24.35 -23.91
N ARG A 257 0.60 -24.02 -25.10
CA ARG A 257 1.74 -23.16 -25.28
C ARG A 257 1.56 -22.44 -26.60
N ASP A 258 0.31 -22.29 -27.01
CA ASP A 258 -0.01 -21.73 -28.31
C ASP A 258 -0.89 -20.50 -28.20
N VAL A 259 -0.39 -19.37 -28.72
CA VAL A 259 -1.05 -18.06 -28.59
C VAL A 259 -2.50 -18.06 -29.08
N LYS A 260 -2.81 -18.90 -30.05
CA LYS A 260 -4.17 -18.95 -30.59
C LYS A 260 -5.18 -19.65 -29.65
N VAL A 261 -4.70 -20.23 -28.56
CA VAL A 261 -5.57 -20.75 -27.50
C VAL A 261 -5.53 -19.87 -26.26
N ILE A 262 -4.33 -19.41 -25.92
CA ILE A 262 -4.12 -18.60 -24.73
C ILE A 262 -4.81 -17.26 -24.90
N LEU A 263 -4.64 -16.66 -26.07
CA LEU A 263 -5.16 -15.32 -26.35
C LEU A 263 -6.59 -15.07 -25.90
N PRO A 264 -7.54 -15.97 -26.25
CA PRO A 264 -8.89 -15.73 -25.71
C PRO A 264 -8.93 -15.70 -24.19
N TYR A 265 -8.08 -16.49 -23.54
CA TYR A 265 -8.08 -16.57 -22.08
C TYR A 265 -7.38 -15.36 -21.47
N LEU A 266 -6.42 -14.81 -22.20
CA LEU A 266 -5.72 -13.62 -21.75
C LEU A 266 -6.60 -12.41 -21.95
N LYS A 267 -7.26 -12.35 -23.11
CA LYS A 267 -8.18 -11.27 -23.39
C LYS A 267 -9.36 -11.20 -22.41
N LYS A 268 -9.74 -12.34 -21.84
CA LYS A 268 -10.80 -12.37 -20.83
C LYS A 268 -10.27 -11.98 -19.45
N ALA A 269 -8.99 -12.26 -19.21
CA ALA A 269 -8.33 -11.84 -17.97
C ALA A 269 -8.27 -10.33 -17.94
N ILE A 270 -7.92 -9.77 -19.09
CA ILE A 270 -7.76 -8.32 -19.22
C ILE A 270 -9.07 -7.60 -19.04
N ASN A 271 -10.13 -8.14 -19.66
CA ASN A 271 -11.43 -7.48 -19.64
C ASN A 271 -11.98 -7.34 -18.25
N GLU A 272 -11.66 -8.30 -17.39
CA GLU A 272 -12.19 -8.23 -16.03
C GLU A 272 -11.19 -7.60 -15.08
N ALA A 273 -9.97 -7.38 -15.55
CA ALA A 273 -9.05 -6.53 -14.80
C ALA A 273 -9.40 -5.11 -15.16
N TYR A 274 -9.76 -4.89 -16.42
CA TYR A 274 -10.12 -3.57 -16.91
C TYR A 274 -11.55 -3.19 -16.55
N ASN A 275 -12.04 -3.78 -15.47
CA ASN A 275 -13.43 -3.59 -15.11
C ASN A 275 -13.48 -3.45 -13.61
N LYS A 276 -12.46 -3.97 -12.96
CA LYS A 276 -12.29 -3.78 -11.53
C LYS A 276 -11.56 -2.43 -11.28
N VAL A 277 -11.29 -1.70 -12.36
CA VAL A 277 -10.56 -0.44 -12.26
C VAL A 277 -11.33 0.77 -12.78
N ASN A 278 -11.59 1.73 -11.89
CA ASN A 278 -12.03 3.06 -12.29
C ASN A 278 -10.81 3.97 -12.44
N GLY A 279 -10.57 4.41 -13.67
CA GLY A 279 -9.35 5.14 -14.01
C GLY A 279 -8.54 4.44 -15.08
N ILE A 280 -7.39 5.02 -15.44
CA ILE A 280 -6.54 4.47 -16.49
C ILE A 280 -5.23 3.97 -15.92
N PRO A 281 -4.76 2.80 -16.37
CA PRO A 281 -3.48 2.26 -15.91
C PRO A 281 -2.30 2.71 -16.73
N MET A 282 -1.15 2.71 -16.09
CA MET A 282 0.07 3.19 -16.70
C MET A 282 1.04 2.04 -16.77
N ARG A 283 0.66 0.92 -16.14
CA ARG A 283 1.45 -0.29 -16.26
C ARG A 283 0.60 -1.51 -16.56
N ILE A 284 1.05 -2.31 -17.51
CA ILE A 284 0.38 -3.59 -17.67
C ILE A 284 1.39 -4.70 -17.50
N THR A 285 1.03 -5.71 -16.72
CA THR A 285 1.90 -6.85 -16.50
C THR A 285 1.22 -8.16 -16.89
N VAL A 286 1.78 -8.88 -17.86
CA VAL A 286 1.31 -10.23 -18.17
C VAL A 286 2.06 -11.24 -17.31
N ILE A 287 1.31 -12.12 -16.67
CA ILE A 287 1.86 -13.11 -15.77
C ILE A 287 1.47 -14.46 -16.32
N ALA A 288 2.32 -15.47 -16.11
CA ALA A 288 1.95 -16.82 -16.53
C ALA A 288 2.54 -17.90 -15.61
N ILE A 289 1.69 -18.86 -15.22
CA ILE A 289 2.12 -20.02 -14.46
C ILE A 289 2.40 -21.21 -15.40
N MET A 290 3.68 -21.59 -15.52
CA MET A 290 4.07 -22.65 -16.46
C MET A 290 3.68 -24.05 -15.98
N GLU A 291 4.15 -25.05 -16.71
CA GLU A 291 3.91 -26.46 -16.38
C GLU A 291 4.20 -26.76 -14.91
N ASP A 292 5.44 -26.45 -14.50
CA ASP A 292 5.91 -26.71 -13.14
C ASP A 292 5.56 -25.58 -12.17
N LEU A 293 4.55 -24.80 -12.52
CA LEU A 293 4.07 -23.67 -11.72
C LEU A 293 5.08 -22.50 -11.66
N ASP A 294 6.19 -22.65 -12.38
CA ASP A 294 7.14 -21.57 -12.58
C ASP A 294 6.44 -20.38 -13.20
N ILE A 295 6.69 -19.20 -12.64
CA ILE A 295 5.92 -18.02 -13.03
C ILE A 295 6.75 -17.00 -13.81
N LEU A 296 6.29 -16.66 -15.02
CA LEU A 296 6.89 -15.59 -15.82
C LEU A 296 6.10 -14.28 -15.69
N SER A 297 6.74 -13.27 -15.11
CA SER A 297 6.17 -11.94 -14.98
C SER A 297 6.83 -11.08 -16.06
N LYS A 298 6.05 -10.24 -16.74
CA LYS A 298 6.60 -9.31 -17.74
CA LYS A 298 6.60 -9.31 -17.74
C LYS A 298 5.66 -8.15 -18.02
N GLY A 299 6.06 -6.96 -17.60
CA GLY A 299 5.24 -5.77 -17.79
C GLY A 299 5.88 -4.62 -18.54
N LYS A 300 5.04 -3.84 -19.21
CA LYS A 300 5.47 -2.61 -19.89
C LYS A 300 4.78 -1.38 -19.29
N LYS A 301 5.55 -0.30 -19.16
CA LYS A 301 5.04 0.97 -18.63
C LYS A 301 4.60 1.92 -19.74
N PHE A 302 3.55 2.69 -19.46
CA PHE A 302 3.06 3.69 -20.40
C PHE A 302 2.81 5.05 -19.70
N LYS A 303 3.65 6.06 -19.98
CA LYS A 303 3.51 7.40 -19.37
C LYS A 303 2.10 7.97 -19.59
N HIS A 304 1.56 7.77 -20.78
CA HIS A 304 0.16 8.04 -21.04
C HIS A 304 -0.65 6.80 -20.69
N GLY A 305 -1.94 6.94 -20.46
CA GLY A 305 -2.74 5.77 -20.13
C GLY A 305 -2.89 4.77 -21.26
N ILE A 306 -3.35 3.56 -20.94
CA ILE A 306 -3.53 2.51 -21.94
C ILE A 306 -4.99 2.12 -22.11
N SER A 307 -5.54 2.34 -23.30
CA SER A 307 -6.92 1.92 -23.57
C SER A 307 -7.03 0.39 -23.59
N ILE A 308 -8.22 -0.11 -23.24
CA ILE A 308 -8.49 -1.56 -23.22
C ILE A 308 -8.17 -2.19 -24.58
N ASP A 309 -8.59 -1.51 -25.64
CA ASP A 309 -8.34 -1.97 -26.99
C ASP A 309 -6.84 -2.14 -27.29
N ASN A 310 -6.05 -1.12 -26.99
CA ASN A 310 -4.61 -1.25 -27.18
C ASN A 310 -3.97 -2.19 -26.16
N ALA A 311 -4.63 -2.30 -25.00
CA ALA A 311 -4.21 -3.27 -24.01
C ALA A 311 -4.23 -4.70 -24.56
N TYR A 312 -5.24 -5.04 -25.37
CA TYR A 312 -5.25 -6.38 -26.01
C TYR A 312 -3.99 -6.69 -26.81
N LYS A 313 -3.63 -5.79 -27.72
CA LYS A 313 -2.40 -5.95 -28.51
C LYS A 313 -1.10 -5.94 -27.68
N VAL A 314 -0.98 -4.97 -26.78
CA VAL A 314 0.21 -4.87 -25.93
C VAL A 314 0.41 -6.14 -25.11
N ALA A 315 -0.69 -6.63 -24.56
CA ALA A 315 -0.64 -7.88 -23.80
C ALA A 315 -0.24 -9.03 -24.70
N GLU A 316 -0.83 -9.09 -25.90
CA GLU A 316 -0.49 -10.17 -26.84
C GLU A 316 1.01 -10.21 -27.10
N ASP A 317 1.59 -9.02 -27.28
CA ASP A 317 3.03 -8.90 -27.50
C ASP A 317 3.83 -9.29 -26.25
N LEU A 318 3.35 -8.89 -25.09
CA LEU A 318 4.03 -9.25 -23.84
C LEU A 318 4.10 -10.77 -23.68
N LEU A 319 2.98 -11.41 -23.99
CA LEU A 319 2.85 -12.86 -23.97
C LEU A 319 3.79 -13.52 -24.95
N ARG A 320 3.64 -13.19 -26.24
CA ARG A 320 4.51 -13.74 -27.28
C ARG A 320 5.98 -13.61 -26.91
N GLU A 321 6.34 -12.44 -26.38
CA GLU A 321 7.69 -12.19 -25.88
C GLU A 321 8.06 -13.16 -24.73
N LEU A 322 7.11 -13.42 -23.85
CA LEU A 322 7.32 -14.42 -22.78
C LEU A 322 7.61 -15.81 -23.32
N LEU A 323 6.77 -16.26 -24.25
CA LEU A 323 6.89 -17.60 -24.84
C LEU A 323 8.19 -17.71 -25.65
N VAL A 324 8.66 -16.57 -26.15
CA VAL A 324 9.97 -16.52 -26.77
C VAL A 324 11.06 -16.64 -25.70
N ARG A 325 10.79 -16.11 -24.50
CA ARG A 325 11.72 -16.28 -23.38
C ARG A 325 11.80 -17.74 -22.89
N ASP A 326 10.71 -18.49 -23.03
CA ASP A 326 10.72 -19.88 -22.55
C ASP A 326 11.06 -20.97 -23.57
N LYS A 327 10.40 -20.96 -24.72
CA LYS A 327 10.63 -21.98 -25.77
C LYS A 327 10.29 -23.42 -25.32
N ARG A 328 10.86 -23.85 -24.19
CA ARG A 328 10.60 -25.20 -23.68
C ARG A 328 9.17 -25.34 -23.17
N ARG A 329 8.97 -25.05 -21.89
CA ARG A 329 7.71 -25.33 -21.18
C ARG A 329 6.45 -24.72 -21.79
N ASN A 330 5.31 -25.25 -21.35
CA ASN A 330 3.99 -24.79 -21.77
C ASN A 330 3.32 -23.97 -20.68
N VAL A 331 2.17 -23.40 -20.99
CA VAL A 331 1.43 -22.54 -20.05
C VAL A 331 0.22 -23.27 -19.42
N ARG A 332 0.01 -23.08 -18.12
CA ARG A 332 -1.13 -23.66 -17.42
C ARG A 332 -2.18 -22.58 -17.09
N ARG A 333 -1.79 -21.59 -16.28
CA ARG A 333 -2.64 -20.44 -15.99
C ARG A 333 -2.16 -19.20 -16.75
N ILE A 334 -3.03 -18.20 -16.93
CA ILE A 334 -2.64 -16.93 -17.55
C ILE A 334 -3.09 -15.81 -16.62
N GLY A 335 -2.32 -14.74 -16.55
CA GLY A 335 -2.69 -13.64 -15.65
C GLY A 335 -2.39 -12.24 -16.14
N VAL A 336 -3.05 -11.27 -15.52
CA VAL A 336 -2.81 -9.89 -15.84
C VAL A 336 -2.96 -9.02 -14.60
N LYS A 337 -2.06 -8.04 -14.48
CA LYS A 337 -2.10 -7.05 -13.41
C LYS A 337 -2.07 -5.65 -14.00
N LEU A 338 -2.93 -4.76 -13.49
CA LEU A 338 -2.92 -3.36 -13.94
C LEU A 338 -2.56 -2.40 -12.78
N ASP A 339 -1.49 -1.64 -12.97
CA ASP A 339 -0.89 -0.84 -11.89
C ASP A 339 -0.97 0.64 -12.18
N ASN A 340 -0.35 1.44 -11.30
CA ASN A 340 -0.15 2.91 -11.46
C ASN A 340 -1.33 3.62 -12.05
N ILE A 341 -2.35 3.93 -11.26
CA ILE A 341 -3.63 4.30 -11.86
C ILE A 341 -4.00 5.79 -11.68
N ILE A 342 -4.11 6.48 -12.80
CA ILE A 342 -4.50 7.87 -12.85
C ILE A 342 -5.97 8.04 -12.54
N ILE A 343 -6.32 9.02 -11.71
CA ILE A 343 -7.74 9.34 -11.48
C ILE A 343 -8.08 10.83 -11.39
#